data_7IB0
#
_entry.id   7IB0
#
_cell.length_a   60.550
_cell.length_b   60.550
_cell.length_c   214.670
_cell.angle_alpha   90.00
_cell.angle_beta   90.00
_cell.angle_gamma   90.00
#
_symmetry.space_group_name_H-M   'P 43 21 2'
#
loop_
_entity.id
_entity.type
_entity.pdbx_description
1 polymer 'NS2B co-factor'
2 polymer 'NS3 protease'
3 non-polymer (2S)-2-hydroxy-3-phenylpropanamide
4 water water
#
loop_
_entity_poly.entity_id
_entity_poly.type
_entity_poly.pdbx_seq_one_letter_code
_entity_poly.pdbx_strand_id
1 'polypeptide(L)' MTGKSVDMYIERAGDITWEKDAEVTGNSPRLDVALDESGDFSLVEEDGPPMRE A,C
2 'polypeptide(L)'
;GALWDVPAPKEVKKGETTDGVYRVMTRRLLGSTQVGVGVMQEGVFHTMWHVTKGAALRSGEGRLDPYWGDVKQDLVSYCG
PWKLDAAWDGLSEVQLLAVPPGERAKNIQTLPGIFKTKDGDIGAVALDYPAGTSGSPILDKSGRVIGLYGNGVVIKNGSY
VSAITQGKREEETPVE
;
B,D
#
# COMPACT_ATOMS: atom_id res chain seq x y z
N VAL A 6 -13.76 -14.71 13.69
CA VAL A 6 -13.04 -14.00 12.64
C VAL A 6 -12.97 -14.87 11.38
N ASP A 7 -13.65 -14.41 10.34
CA ASP A 7 -13.72 -15.11 9.06
C ASP A 7 -12.44 -14.78 8.29
N MET A 8 -11.49 -15.73 8.26
CA MET A 8 -10.30 -15.60 7.43
C MET A 8 -10.50 -16.48 6.19
N TYR A 9 -10.33 -15.88 4.99
CA TYR A 9 -10.71 -16.53 3.73
C TYR A 9 -9.75 -16.12 2.62
N ILE A 10 -9.72 -16.90 1.53
CA ILE A 10 -8.76 -16.64 0.44
C ILE A 10 -9.50 -16.36 -0.87
N GLU A 11 -8.85 -15.54 -1.71
CA GLU A 11 -9.37 -15.14 -3.01
C GLU A 11 -8.23 -15.22 -4.02
N ARG A 12 -8.43 -15.91 -5.13
CA ARG A 12 -7.37 -16.03 -6.13
C ARG A 12 -7.09 -14.67 -6.75
N ALA A 13 -5.79 -14.37 -6.90
CA ALA A 13 -5.38 -13.10 -7.47
C ALA A 13 -4.50 -13.22 -8.72
N GLY A 14 -4.02 -14.39 -9.05
CA GLY A 14 -3.37 -14.56 -10.34
C GLY A 14 -2.63 -15.87 -10.46
N ASP A 15 -2.03 -16.04 -11.65
CA ASP A 15 -1.11 -17.12 -11.95
C ASP A 15 0.26 -16.78 -11.35
N ILE A 16 1.07 -17.80 -11.12
CA ILE A 16 2.46 -17.57 -10.71
C ILE A 16 3.29 -17.64 -11.97
N THR A 17 3.72 -16.47 -12.44
N THR A 17 3.70 -16.46 -12.45
CA THR A 17 4.44 -16.35 -13.70
CA THR A 17 4.45 -16.37 -13.69
C THR A 17 5.46 -15.23 -13.63
C THR A 17 5.48 -15.26 -13.58
N TRP A 18 6.58 -15.45 -14.30
CA TRP A 18 7.56 -14.39 -14.52
C TRP A 18 7.01 -13.48 -15.61
N GLU A 19 7.22 -12.17 -15.45
CA GLU A 19 6.76 -11.18 -16.43
C GLU A 19 7.95 -10.45 -17.03
N LYS A 20 8.12 -10.56 -18.35
CA LYS A 20 9.28 -9.93 -19.02
C LYS A 20 9.30 -8.41 -18.84
N ASP A 21 8.13 -7.79 -18.68
CA ASP A 21 8.00 -6.34 -18.64
C ASP A 21 7.94 -5.79 -17.22
N ALA A 22 8.47 -6.51 -16.24
CA ALA A 22 8.34 -6.06 -14.88
C ALA A 22 9.15 -4.80 -14.61
N GLU A 23 8.62 -3.96 -13.73
CA GLU A 23 9.40 -2.87 -13.15
C GLU A 23 10.58 -3.48 -12.40
N VAL A 24 11.71 -2.78 -12.41
CA VAL A 24 12.95 -3.28 -11.81
C VAL A 24 13.44 -2.25 -10.82
N THR A 25 13.64 -2.67 -9.56
CA THR A 25 14.07 -1.70 -8.55
C THR A 25 14.67 -2.43 -7.35
N GLY A 26 15.28 -1.64 -6.48
CA GLY A 26 15.77 -2.14 -5.22
C GLY A 26 17.26 -2.45 -5.25
N ASN A 27 17.92 -2.28 -4.11
N ASN A 27 17.88 -2.33 -4.08
CA ASN A 27 19.34 -2.56 -4.00
CA ASN A 27 19.30 -2.58 -3.87
C ASN A 27 19.54 -3.98 -3.43
C ASN A 27 19.53 -4.05 -3.54
N SER A 28 20.80 -4.33 -3.21
N SER A 28 20.80 -4.39 -3.21
CA SER A 28 21.20 -5.69 -2.85
CA SER A 28 21.20 -5.74 -2.85
C SER A 28 22.15 -5.67 -1.66
C SER A 28 22.15 -5.69 -1.66
N PRO A 29 21.64 -5.32 -0.49
CA PRO A 29 22.53 -5.19 0.67
C PRO A 29 22.98 -6.53 1.20
N ARG A 30 24.22 -6.54 1.71
CA ARG A 30 24.79 -7.69 2.43
C ARG A 30 24.79 -7.34 3.91
N LEU A 31 24.04 -8.10 4.70
CA LEU A 31 23.79 -7.83 6.10
C LEU A 31 24.13 -9.06 6.92
N ASP A 32 24.81 -8.84 8.03
CA ASP A 32 24.96 -9.86 9.06
C ASP A 32 23.75 -9.87 9.96
N VAL A 33 23.08 -11.02 10.05
CA VAL A 33 21.86 -11.12 10.84
C VAL A 33 21.87 -12.38 11.67
N ALA A 34 21.06 -12.37 12.71
CA ALA A 34 20.80 -13.55 13.54
C ALA A 34 19.30 -13.78 13.57
N LEU A 35 18.92 -15.05 13.69
CA LEU A 35 17.52 -15.46 13.70
C LEU A 35 17.25 -16.12 15.04
N ASP A 36 16.32 -15.56 15.80
CA ASP A 36 16.05 -16.07 17.13
C ASP A 36 14.89 -17.05 17.09
N GLU A 37 14.57 -17.56 18.27
CA GLU A 37 13.63 -18.66 18.37
C GLU A 37 12.23 -18.25 17.95
N SER A 38 11.90 -16.97 18.04
CA SER A 38 10.57 -16.49 17.68
C SER A 38 10.45 -16.14 16.20
N GLY A 39 11.44 -16.53 15.40
CA GLY A 39 11.46 -16.22 14.00
C GLY A 39 11.86 -14.81 13.67
N ASP A 40 12.39 -14.04 14.64
CA ASP A 40 12.73 -12.64 14.41
C ASP A 40 14.19 -12.52 13.98
N PHE A 41 14.41 -11.87 12.85
CA PHE A 41 15.75 -11.49 12.43
C PHE A 41 16.18 -10.20 13.13
N SER A 42 17.45 -10.15 13.48
CA SER A 42 18.02 -8.94 14.01
C SER A 42 19.40 -8.75 13.42
N LEU A 43 19.84 -7.50 13.39
CA LEU A 43 21.17 -7.20 12.89
C LEU A 43 22.23 -7.62 13.90
N VAL A 44 23.39 -8.03 13.40
CA VAL A 44 24.53 -8.39 14.20
C VAL A 44 25.74 -7.59 13.75
N GLU A 45 26.54 -7.11 14.69
CA GLU A 45 27.87 -6.59 14.36
C GLU A 45 28.95 -7.46 14.98
N THR B 17 -8.80 -24.33 -5.02
CA THR B 17 -7.75 -25.35 -5.03
C THR B 17 -6.83 -25.16 -6.23
N THR B 18 -7.25 -24.27 -7.13
CA THR B 18 -6.46 -23.95 -8.31
C THR B 18 -5.10 -23.37 -7.92
N ASP B 19 -4.07 -23.82 -8.64
CA ASP B 19 -2.76 -23.22 -8.51
C ASP B 19 -2.86 -21.72 -8.69
N GLY B 20 -2.11 -20.97 -7.89
CA GLY B 20 -2.03 -19.54 -8.08
C GLY B 20 -1.60 -18.82 -6.83
N VAL B 21 -1.57 -17.50 -6.94
CA VAL B 21 -1.32 -16.63 -5.80
C VAL B 21 -2.68 -16.12 -5.33
N TYR B 22 -2.88 -16.06 -4.01
CA TYR B 22 -4.15 -15.76 -3.38
C TYR B 22 -3.98 -14.67 -2.32
N ARG B 23 -4.97 -13.78 -2.23
CA ARG B 23 -5.08 -12.91 -1.06
C ARG B 23 -5.63 -13.66 0.14
N VAL B 24 -5.10 -13.33 1.31
CA VAL B 24 -5.62 -13.79 2.60
C VAL B 24 -6.35 -12.62 3.23
N MET B 25 -7.67 -12.79 3.41
CA MET B 25 -8.59 -11.73 3.84
C MET B 25 -9.19 -12.10 5.19
N THR B 26 -9.60 -11.07 5.91
CA THR B 26 -10.23 -11.26 7.20
C THR B 26 -11.42 -10.33 7.32
N ARG B 27 -12.42 -10.81 8.04
CA ARG B 27 -13.58 -10.02 8.39
C ARG B 27 -13.82 -10.10 9.90
N GLY B 31 -16.26 -4.65 7.75
CA GLY B 31 -15.61 -4.67 6.46
C GLY B 31 -14.46 -5.67 6.38
N SER B 32 -13.87 -5.82 5.20
CA SER B 32 -12.81 -6.79 4.98
C SER B 32 -11.47 -6.10 4.84
N THR B 33 -10.43 -6.82 5.22
CA THR B 33 -9.05 -6.32 5.22
C THR B 33 -8.18 -7.45 4.68
N GLN B 34 -7.17 -7.09 3.90
CA GLN B 34 -6.19 -8.06 3.43
C GLN B 34 -5.06 -8.12 4.45
N VAL B 35 -4.84 -9.31 5.03
CA VAL B 35 -3.78 -9.51 5.99
C VAL B 35 -2.55 -10.18 5.40
N GLY B 36 -2.66 -10.80 4.23
CA GLY B 36 -1.51 -11.37 3.59
C GLY B 36 -1.84 -12.01 2.27
N VAL B 37 -0.94 -12.88 1.85
CA VAL B 37 -0.91 -13.50 0.54
C VAL B 37 -0.41 -14.92 0.72
N GLY B 38 -0.77 -15.80 -0.20
CA GLY B 38 -0.16 -17.12 -0.18
C GLY B 38 -0.21 -17.78 -1.53
N VAL B 39 0.39 -18.96 -1.60
CA VAL B 39 0.61 -19.71 -2.82
C VAL B 39 -0.09 -21.05 -2.72
N MET B 40 -0.93 -21.35 -3.71
CA MET B 40 -1.50 -22.67 -3.90
C MET B 40 -0.65 -23.42 -4.92
N GLN B 41 -0.16 -24.59 -4.54
CA GLN B 41 0.60 -25.42 -5.47
C GLN B 41 0.41 -26.86 -5.02
N GLU B 42 0.10 -27.74 -5.98
CA GLU B 42 -0.08 -29.17 -5.71
C GLU B 42 -1.08 -29.40 -4.58
N GLY B 43 -2.15 -28.61 -4.58
CA GLY B 43 -3.23 -28.81 -3.62
C GLY B 43 -2.93 -28.36 -2.22
N VAL B 44 -1.84 -27.64 -2.01
CA VAL B 44 -1.40 -27.18 -0.70
C VAL B 44 -1.31 -25.67 -0.74
N PHE B 45 -1.82 -25.02 0.30
CA PHE B 45 -1.73 -23.58 0.45
C PHE B 45 -0.57 -23.23 1.37
N HIS B 46 0.30 -22.35 0.88
CA HIS B 46 1.51 -21.94 1.55
C HIS B 46 1.45 -20.46 1.92
N THR B 47 1.69 -20.13 3.19
CA THR B 47 1.80 -18.72 3.56
C THR B 47 2.71 -18.60 4.77
N MET B 48 2.75 -17.39 5.33
CA MET B 48 3.63 -17.13 6.46
C MET B 48 2.86 -17.25 7.76
N TRP B 49 3.49 -17.86 8.77
CA TRP B 49 2.83 -18.07 10.04
C TRP B 49 2.25 -16.78 10.59
N HIS B 50 3.01 -15.67 10.51
CA HIS B 50 2.55 -14.42 11.13
C HIS B 50 1.31 -13.87 10.44
N VAL B 51 0.98 -14.37 9.25
CA VAL B 51 -0.23 -13.92 8.55
C VAL B 51 -1.48 -14.55 9.16
N THR B 52 -1.46 -15.87 9.37
CA THR B 52 -2.65 -16.58 9.80
C THR B 52 -2.57 -17.11 11.23
N LYS B 53 -1.37 -17.19 11.80
CA LYS B 53 -1.16 -17.84 13.10
C LYS B 53 -1.74 -19.26 13.10
N GLY B 54 -1.81 -19.88 11.94
CA GLY B 54 -2.24 -21.25 11.82
C GLY B 54 -3.73 -21.46 11.74
N ALA B 55 -4.53 -20.40 11.85
CA ALA B 55 -5.97 -20.52 11.81
C ALA B 55 -6.45 -21.16 10.52
N ALA B 56 -7.58 -21.88 10.62
CA ALA B 56 -8.18 -22.44 9.43
C ALA B 56 -8.62 -21.32 8.48
N LEU B 57 -8.66 -21.64 7.19
CA LEU B 57 -9.00 -20.68 6.16
C LEU B 57 -10.21 -21.16 5.37
N ARG B 58 -11.05 -20.22 5.00
CA ARG B 58 -12.17 -20.50 4.12
C ARG B 58 -11.75 -20.24 2.67
N SER B 59 -12.18 -21.14 1.79
CA SER B 59 -12.04 -20.96 0.35
C SER B 59 -13.39 -21.26 -0.27
N GLY B 60 -14.15 -20.21 -0.54
CA GLY B 60 -15.47 -20.42 -1.09
C GLY B 60 -16.32 -21.08 -0.02
N GLU B 61 -16.92 -22.20 -0.37
CA GLU B 61 -17.68 -22.98 0.60
C GLU B 61 -16.84 -24.06 1.27
N GLY B 62 -15.56 -24.19 0.91
CA GLY B 62 -14.68 -25.16 1.52
C GLY B 62 -13.87 -24.59 2.67
N ARG B 63 -13.25 -25.50 3.42
CA ARG B 63 -12.38 -25.12 4.51
C ARG B 63 -11.01 -25.76 4.32
N LEU B 64 -9.97 -24.97 4.60
CA LEU B 64 -8.58 -25.43 4.51
C LEU B 64 -8.02 -25.50 5.92
N ASP B 65 -7.58 -26.70 6.32
CA ASP B 65 -7.05 -26.85 7.67
C ASP B 65 -5.53 -26.89 7.69
N PRO B 66 -4.92 -26.36 8.74
CA PRO B 66 -3.46 -26.37 8.80
C PRO B 66 -2.93 -27.80 8.88
N TYR B 67 -1.75 -27.98 8.30
CA TYR B 67 -1.09 -29.27 8.24
C TYR B 67 0.29 -29.26 8.88
N TRP B 68 1.06 -28.23 8.63
CA TRP B 68 2.41 -28.07 9.16
C TRP B 68 2.63 -26.58 9.41
N GLY B 69 3.31 -26.26 10.50
CA GLY B 69 3.69 -24.89 10.74
C GLY B 69 4.92 -24.78 11.63
N ASP B 70 5.60 -23.64 11.51
CA ASP B 70 6.84 -23.44 12.28
C ASP B 70 7.06 -21.96 12.50
N VAL B 71 7.04 -21.53 13.77
CA VAL B 71 7.20 -20.12 14.09
C VAL B 71 8.58 -19.62 13.70
N LYS B 72 9.63 -20.42 13.92
CA LYS B 72 10.97 -19.90 13.64
C LYS B 72 11.17 -19.65 12.16
N GLN B 73 10.68 -20.54 11.31
CA GLN B 73 10.76 -20.33 9.87
C GLN B 73 9.71 -19.34 9.41
N ASP B 74 8.71 -19.08 10.24
CA ASP B 74 7.58 -18.19 9.96
C ASP B 74 6.79 -18.67 8.75
N LEU B 75 6.54 -19.98 8.70
CA LEU B 75 5.83 -20.60 7.59
C LEU B 75 4.72 -21.53 8.10
N VAL B 76 3.73 -21.73 7.23
CA VAL B 76 2.63 -22.65 7.49
C VAL B 76 2.12 -23.19 6.16
N SER B 77 1.71 -24.47 6.16
CA SER B 77 1.06 -25.05 5.01
C SER B 77 -0.28 -25.66 5.43
N TYR B 78 -1.21 -25.65 4.48
CA TYR B 78 -2.56 -26.11 4.65
C TYR B 78 -2.84 -27.22 3.65
N CYS B 79 -3.52 -28.27 4.12
CA CYS B 79 -4.03 -29.39 3.34
C CYS B 79 -2.97 -30.43 3.02
N GLY B 80 -1.71 -30.19 3.30
CA GLY B 80 -0.67 -31.14 3.02
C GLY B 80 0.65 -30.51 3.37
N PRO B 81 1.74 -31.25 3.15
CA PRO B 81 3.07 -30.75 3.50
C PRO B 81 3.57 -29.68 2.54
N TRP B 82 4.52 -28.87 3.03
CA TRP B 82 5.15 -27.84 2.23
C TRP B 82 5.72 -28.41 0.93
N LYS B 83 5.35 -27.78 -0.20
CA LYS B 83 5.68 -28.31 -1.53
C LYS B 83 6.73 -27.51 -2.26
N LEU B 84 7.05 -26.30 -1.82
CA LEU B 84 7.93 -25.42 -2.56
C LEU B 84 9.37 -25.67 -2.15
N ASP B 85 10.22 -25.96 -3.14
CA ASP B 85 11.60 -26.28 -2.81
C ASP B 85 12.66 -25.61 -3.68
N ALA B 86 12.29 -24.83 -4.69
CA ALA B 86 13.31 -24.11 -5.45
C ALA B 86 14.04 -23.10 -4.56
N ALA B 87 15.28 -22.78 -4.93
CA ALA B 87 16.12 -21.86 -4.18
C ALA B 87 16.80 -20.86 -5.09
N TRP B 88 17.00 -19.64 -4.57
CA TRP B 88 17.79 -18.65 -5.28
C TRP B 88 19.16 -19.20 -5.63
N ASP B 89 19.63 -18.88 -6.84
CA ASP B 89 20.92 -19.37 -7.34
C ASP B 89 22.09 -18.51 -6.88
N GLY B 90 21.82 -17.42 -6.15
CA GLY B 90 22.85 -16.57 -5.60
C GLY B 90 23.44 -15.55 -6.55
N LEU B 91 22.98 -15.50 -7.81
CA LEU B 91 23.59 -14.64 -8.83
C LEU B 91 22.57 -13.85 -9.65
N SER B 92 21.40 -14.45 -9.88
CA SER B 92 20.43 -13.94 -10.83
C SER B 92 19.40 -13.05 -10.17
N GLU B 93 18.84 -12.16 -10.98
CA GLU B 93 17.67 -11.42 -10.55
C GLU B 93 16.47 -12.34 -10.37
N VAL B 94 15.56 -11.91 -9.50
CA VAL B 94 14.33 -12.63 -9.16
C VAL B 94 13.19 -11.64 -9.34
N GLN B 95 11.97 -12.13 -9.18
CA GLN B 95 10.79 -11.28 -9.21
C GLN B 95 9.93 -11.53 -7.99
N LEU B 96 9.57 -10.45 -7.30
CA LEU B 96 8.55 -10.48 -6.27
C LEU B 96 7.21 -10.37 -6.98
N LEU B 97 6.36 -11.39 -6.85
CA LEU B 97 4.99 -11.32 -7.39
C LEU B 97 4.15 -10.74 -6.26
N ALA B 98 4.19 -9.41 -6.16
CA ALA B 98 3.55 -8.71 -5.07
C ALA B 98 2.04 -8.66 -5.30
N VAL B 99 1.27 -8.91 -4.25
CA VAL B 99 -0.18 -8.75 -4.34
C VAL B 99 -0.61 -7.78 -3.24
N PRO B 100 -0.46 -6.49 -3.47
CA PRO B 100 -0.73 -5.53 -2.41
C PRO B 100 -2.22 -5.41 -2.21
N PRO B 101 -2.66 -5.03 -1.00
CA PRO B 101 -4.08 -4.75 -0.80
C PRO B 101 -4.62 -3.75 -1.81
N GLY B 102 -5.76 -4.08 -2.41
CA GLY B 102 -6.40 -3.17 -3.35
C GLY B 102 -5.75 -3.06 -4.71
N GLU B 103 -4.76 -3.88 -5.02
CA GLU B 103 -3.99 -3.75 -6.26
C GLU B 103 -3.86 -5.08 -6.97
N ARG B 104 -3.90 -5.01 -8.30
CA ARG B 104 -3.69 -6.20 -9.11
C ARG B 104 -2.32 -6.80 -8.81
N ALA B 105 -2.24 -8.14 -8.85
CA ALA B 105 -0.95 -8.81 -8.76
C ALA B 105 0.04 -8.19 -9.74
N LYS B 106 1.26 -7.94 -9.28
CA LYS B 106 2.26 -7.27 -10.11
C LYS B 106 3.65 -7.76 -9.78
N ASN B 107 4.50 -7.78 -10.79
CA ASN B 107 5.83 -8.36 -10.69
C ASN B 107 6.85 -7.24 -10.54
N ILE B 108 7.71 -7.37 -9.54
CA ILE B 108 8.79 -6.44 -9.25
C ILE B 108 10.10 -7.21 -9.33
N GLN B 109 10.95 -6.86 -10.28
CA GLN B 109 12.21 -7.57 -10.51
C GLN B 109 13.32 -6.90 -9.70
N THR B 110 14.23 -7.70 -9.14
CA THR B 110 15.30 -7.14 -8.30
C THR B 110 16.43 -8.14 -8.22
N LEU B 111 17.64 -7.64 -7.93
CA LEU B 111 18.74 -8.51 -7.54
C LEU B 111 18.76 -8.62 -6.02
N PRO B 112 18.56 -9.81 -5.44
CA PRO B 112 18.63 -9.95 -3.97
C PRO B 112 20.02 -9.58 -3.43
N GLY B 113 20.01 -9.05 -2.22
CA GLY B 113 21.19 -9.03 -1.37
C GLY B 113 21.21 -10.32 -0.56
N ILE B 114 21.96 -10.30 0.55
CA ILE B 114 22.24 -11.51 1.31
C ILE B 114 22.08 -11.24 2.80
N PHE B 115 21.34 -12.10 3.49
CA PHE B 115 21.43 -12.23 4.94
C PHE B 115 22.53 -13.25 5.22
N LYS B 116 23.63 -12.82 5.84
CA LYS B 116 24.70 -13.70 6.27
C LYS B 116 24.40 -14.16 7.70
N THR B 117 24.21 -15.47 7.90
CA THR B 117 23.93 -15.98 9.24
C THR B 117 24.90 -17.10 9.58
N LYS B 118 24.98 -17.37 10.89
CA LYS B 118 25.86 -18.43 11.38
C LYS B 118 25.53 -19.78 10.76
N ASP B 119 24.34 -19.92 10.21
CA ASP B 119 23.87 -21.17 9.61
C ASP B 119 23.89 -21.13 8.09
N GLY B 120 24.49 -20.11 7.50
CA GLY B 120 24.54 -19.96 6.06
C GLY B 120 23.85 -18.69 5.58
N ASP B 121 23.98 -18.45 4.28
CA ASP B 121 23.44 -17.28 3.64
C ASP B 121 22.03 -17.54 3.10
N ILE B 122 21.21 -16.49 3.15
CA ILE B 122 19.83 -16.45 2.70
C ILE B 122 19.69 -15.24 1.79
N GLY B 123 19.07 -15.43 0.62
CA GLY B 123 18.77 -14.28 -0.22
C GLY B 123 17.82 -13.34 0.50
N ALA B 124 17.89 -12.06 0.15
CA ALA B 124 17.06 -11.04 0.77
C ALA B 124 16.73 -9.96 -0.23
N VAL B 125 15.49 -9.47 -0.22
CA VAL B 125 15.08 -8.46 -1.18
C VAL B 125 14.76 -7.14 -0.47
N ALA B 126 15.35 -6.06 -0.99
CA ALA B 126 15.27 -4.76 -0.35
C ALA B 126 14.10 -4.00 -0.95
N LEU B 127 12.92 -4.54 -0.70
CA LEU B 127 11.66 -4.06 -1.24
C LEU B 127 10.70 -3.89 -0.08
N ASP B 128 9.97 -2.78 -0.08
CA ASP B 128 9.16 -2.39 1.08
C ASP B 128 7.74 -2.11 0.62
N TYR B 129 6.88 -3.15 0.71
CA TYR B 129 5.46 -3.08 0.35
C TYR B 129 4.57 -3.18 1.58
N PRO B 130 3.28 -2.83 1.46
CA PRO B 130 2.40 -2.85 2.65
C PRO B 130 2.34 -4.22 3.32
N ALA B 131 2.05 -4.23 4.64
CA ALA B 131 2.12 -5.48 5.41
C ALA B 131 1.24 -6.58 4.85
N GLY B 132 0.08 -6.20 4.29
CA GLY B 132 -0.83 -7.16 3.70
C GLY B 132 -0.30 -7.88 2.50
N THR B 133 0.91 -7.52 2.04
CA THR B 133 1.65 -8.20 1.00
C THR B 133 2.44 -9.38 1.53
N SER B 134 2.55 -9.55 2.85
CA SER B 134 3.31 -10.65 3.40
C SER B 134 2.75 -11.97 2.90
N GLY B 135 3.65 -12.87 2.49
CA GLY B 135 3.28 -14.13 1.89
C GLY B 135 3.35 -14.12 0.38
N SER B 136 3.60 -12.96 -0.22
CA SER B 136 3.74 -12.92 -1.67
C SER B 136 4.93 -13.75 -2.11
N PRO B 137 4.81 -14.49 -3.23
CA PRO B 137 5.90 -15.35 -3.67
C PRO B 137 7.00 -14.57 -4.37
N ILE B 138 8.22 -15.06 -4.18
CA ILE B 138 9.39 -14.60 -4.93
C ILE B 138 9.76 -15.71 -5.91
N LEU B 139 10.01 -15.33 -7.16
CA LEU B 139 10.14 -16.28 -8.26
C LEU B 139 11.52 -16.20 -8.91
N ASP B 140 11.99 -17.34 -9.40
CA ASP B 140 13.16 -17.36 -10.25
C ASP B 140 12.74 -17.21 -11.71
N LYS B 141 13.73 -17.16 -12.59
CA LYS B 141 13.46 -16.93 -14.01
C LYS B 141 12.56 -17.99 -14.60
N SER B 142 12.60 -19.21 -14.07
CA SER B 142 11.76 -20.29 -14.57
C SER B 142 10.33 -20.24 -14.05
N GLY B 143 9.99 -19.27 -13.20
CA GLY B 143 8.66 -19.19 -12.64
C GLY B 143 8.46 -20.02 -11.38
N ARG B 144 9.50 -20.65 -10.86
CA ARG B 144 9.39 -21.42 -9.61
C ARG B 144 9.43 -20.49 -8.40
N VAL B 145 8.68 -20.83 -7.36
CA VAL B 145 8.66 -20.05 -6.12
C VAL B 145 9.88 -20.42 -5.30
N ILE B 146 10.82 -19.46 -5.13
CA ILE B 146 12.02 -19.66 -4.32
C ILE B 146 11.85 -19.21 -2.88
N GLY B 147 10.69 -18.66 -2.54
CA GLY B 147 10.41 -18.32 -1.16
C GLY B 147 9.28 -17.31 -1.11
N LEU B 148 8.95 -16.94 0.13
CA LEU B 148 7.90 -15.96 0.41
C LEU B 148 8.47 -14.69 1.05
N TYR B 149 7.78 -13.57 0.75
CA TYR B 149 8.11 -12.22 1.17
C TYR B 149 7.40 -11.88 2.48
N GLY B 150 8.13 -11.25 3.39
CA GLY B 150 7.50 -10.65 4.56
C GLY B 150 8.07 -10.94 5.93
N ASN B 151 9.20 -11.64 6.03
CA ASN B 151 9.92 -11.73 7.30
C ASN B 151 11.32 -11.18 7.08
N GLY B 152 11.70 -10.17 7.83
CA GLY B 152 12.94 -9.46 7.58
C GLY B 152 13.46 -8.61 8.69
N VAL B 153 14.24 -7.60 8.30
CA VAL B 153 14.88 -6.67 9.23
C VAL B 153 14.83 -5.29 8.62
N VAL B 154 15.07 -4.28 9.46
CA VAL B 154 15.19 -2.89 9.04
C VAL B 154 16.65 -2.44 9.13
N ILE B 155 17.12 -1.77 8.09
CA ILE B 155 18.43 -1.11 8.10
C ILE B 155 18.31 0.41 8.08
N GLY B 158 16.08 2.91 7.99
CA GLY B 158 14.65 3.03 7.71
C GLY B 158 14.08 1.97 6.77
N SER B 159 14.93 1.40 5.91
CA SER B 159 14.42 0.55 4.84
C SER B 159 14.28 -0.90 5.28
N TYR B 160 13.13 -1.47 5.00
CA TYR B 160 12.89 -2.87 5.26
C TYR B 160 13.56 -3.73 4.21
N VAL B 161 14.10 -4.86 4.66
CA VAL B 161 14.68 -5.90 3.79
C VAL B 161 14.10 -7.23 4.21
N SER B 162 13.49 -7.95 3.26
CA SER B 162 12.84 -9.23 3.50
C SER B 162 13.75 -10.38 3.16
N ALA B 163 13.86 -11.34 4.08
CA ALA B 163 14.42 -12.63 3.70
C ALA B 163 13.59 -13.24 2.56
N ILE B 164 14.26 -14.02 1.73
CA ILE B 164 13.55 -14.95 0.82
C ILE B 164 13.36 -16.23 1.63
N THR B 165 12.18 -16.42 2.21
CA THR B 165 11.94 -17.46 3.17
C THR B 165 11.36 -18.67 2.44
N GLN B 166 12.10 -19.77 2.47
CA GLN B 166 11.72 -21.02 1.82
C GLN B 166 11.67 -22.13 2.84
N GLY B 167 10.70 -23.02 2.67
CA GLY B 167 10.55 -24.17 3.53
C GLY B 167 11.33 -25.37 3.02
N LYS B 168 11.02 -26.51 3.61
CA LYS B 168 11.64 -27.77 3.23
C LYS B 168 10.58 -28.72 2.71
N ARG B 169 10.83 -29.30 1.53
CA ARG B 169 10.01 -30.34 0.96
C ARG B 169 10.69 -31.70 1.15
N VAL C 6 -21.62 13.42 -16.01
CA VAL C 6 -20.78 12.82 -17.06
C VAL C 6 -20.38 11.38 -16.68
N ASP C 7 -19.08 11.11 -16.50
CA ASP C 7 -18.59 9.76 -16.28
C ASP C 7 -18.39 9.39 -14.81
N MET C 8 -18.38 10.37 -13.90
CA MET C 8 -17.98 10.14 -12.51
C MET C 8 -19.06 10.63 -11.55
N TYR C 9 -19.15 9.96 -10.39
CA TYR C 9 -20.09 10.36 -9.35
C TYR C 9 -19.41 10.18 -8.00
N ILE C 10 -19.95 10.83 -6.99
CA ILE C 10 -19.38 10.76 -5.64
C ILE C 10 -20.37 10.05 -4.72
N GLU C 11 -19.83 9.30 -3.75
CA GLU C 11 -20.67 8.68 -2.73
C GLU C 11 -19.98 8.76 -1.38
N ARG C 12 -20.81 8.96 -0.36
CA ARG C 12 -20.29 9.24 0.98
C ARG C 12 -19.48 8.04 1.48
N ALA C 13 -18.35 8.34 2.12
CA ALA C 13 -17.52 7.34 2.80
C ALA C 13 -17.31 7.58 4.29
N GLY C 14 -17.66 8.73 4.82
CA GLY C 14 -17.54 8.90 6.27
C GLY C 14 -17.55 10.36 6.67
N ASP C 15 -17.58 10.55 7.99
CA ASP C 15 -17.33 11.85 8.62
C ASP C 15 -15.82 12.07 8.69
N ILE C 16 -15.42 13.33 8.79
CA ILE C 16 -14.00 13.66 8.91
C ILE C 16 -13.72 13.98 10.39
N THR C 17 -13.01 13.08 11.07
CA THR C 17 -12.67 13.26 12.47
C THR C 17 -11.32 12.61 12.73
N TRP C 18 -10.59 13.19 13.67
CA TRP C 18 -9.43 12.54 14.28
C TRP C 18 -9.88 11.36 15.12
N GLU C 19 -9.11 10.26 15.09
CA GLU C 19 -9.43 9.08 15.88
C GLU C 19 -8.36 8.91 16.96
N LYS C 20 -8.79 8.98 18.22
CA LYS C 20 -7.84 8.97 19.32
C LYS C 20 -7.06 7.66 19.41
N ASP C 21 -7.65 6.54 19.02
CA ASP C 21 -6.92 5.28 19.17
C ASP C 21 -6.46 4.73 17.83
N ALA C 22 -5.84 5.59 17.02
CA ALA C 22 -5.36 5.20 15.70
C ALA C 22 -3.98 4.58 15.76
N GLU C 23 -3.74 3.64 14.86
CA GLU C 23 -2.41 3.07 14.67
C GLU C 23 -1.45 4.17 14.25
N VAL C 24 -0.25 4.19 14.83
CA VAL C 24 0.84 5.08 14.40
C VAL C 24 1.82 4.26 13.57
N THR C 25 2.14 4.75 12.38
CA THR C 25 3.08 4.02 11.54
C THR C 25 3.73 4.97 10.54
N GLY C 26 4.73 4.43 9.85
CA GLY C 26 5.44 5.15 8.83
C GLY C 26 6.63 5.91 9.38
N ASN C 27 7.61 6.13 8.50
CA ASN C 27 8.77 6.92 8.87
C ASN C 27 8.55 8.38 8.45
N SER C 28 9.60 9.18 8.54
CA SER C 28 9.54 10.63 8.33
C SER C 28 10.71 11.08 7.47
N PRO C 29 10.72 10.67 6.21
CA PRO C 29 11.91 10.90 5.38
C PRO C 29 12.04 12.36 4.97
N ARG C 30 13.27 12.81 4.81
CA ARG C 30 13.57 14.14 4.30
C ARG C 30 14.14 13.94 2.91
N LEU C 31 13.36 14.28 1.88
CA LEU C 31 13.66 13.93 0.51
C LEU C 31 13.78 15.17 -0.36
N ASP C 32 14.86 15.26 -1.13
CA ASP C 32 15.02 16.29 -2.15
C ASP C 32 14.19 15.93 -3.38
N VAL C 33 13.22 16.78 -3.75
CA VAL C 33 12.35 16.50 -4.89
C VAL C 33 12.20 17.73 -5.78
N ALA C 34 11.74 17.48 -6.99
CA ALA C 34 11.40 18.53 -7.96
C ALA C 34 9.94 18.36 -8.37
N LEU C 35 9.26 19.49 -8.59
CA LEU C 35 7.86 19.52 -9.02
C LEU C 35 7.86 20.12 -10.41
N ASP C 36 7.46 19.33 -11.40
CA ASP C 36 7.50 19.85 -12.76
C ASP C 36 6.17 20.55 -13.10
N GLU C 37 6.16 21.25 -14.23
CA GLU C 37 5.02 22.09 -14.58
C GLU C 37 3.76 21.27 -14.79
N SER C 38 3.86 19.96 -14.95
CA SER C 38 2.71 19.06 -15.02
C SER C 38 2.19 18.64 -13.65
N GLY C 39 2.79 19.09 -12.57
CA GLY C 39 2.34 18.69 -11.24
C GLY C 39 2.90 17.38 -10.75
N ASP C 40 3.96 16.89 -11.38
CA ASP C 40 4.59 15.61 -11.02
C ASP C 40 5.83 15.86 -10.19
N PHE C 41 5.93 15.12 -9.07
CA PHE C 41 7.12 15.11 -8.24
C PHE C 41 8.09 14.04 -8.76
N SER C 42 9.38 14.34 -8.66
CA SER C 42 10.44 13.37 -8.92
C SER C 42 11.54 13.53 -7.88
N LEU C 43 12.32 12.48 -7.68
CA LEU C 43 13.48 12.55 -6.81
C LEU C 43 14.60 13.25 -7.56
N VAL C 44 15.36 14.05 -6.86
CA VAL C 44 16.51 14.71 -7.45
C VAL C 44 17.71 13.77 -7.37
N GLU C 45 18.53 13.76 -8.43
CA GLU C 45 19.74 12.95 -8.48
C GLU C 45 20.89 13.67 -7.75
N LYS D 13 -33.13 20.99 6.58
CA LYS D 13 -33.14 22.36 7.10
C LYS D 13 -32.28 23.29 6.22
N LYS D 14 -32.67 24.56 6.17
CA LYS D 14 -31.90 25.53 5.40
C LYS D 14 -30.52 25.70 6.01
N GLY D 15 -29.50 25.52 5.16
CA GLY D 15 -28.13 25.61 5.59
C GLY D 15 -27.47 24.29 5.91
N GLU D 16 -28.21 23.19 5.82
CA GLU D 16 -27.67 21.88 6.19
C GLU D 16 -26.95 21.25 5.00
N THR D 17 -25.63 21.41 4.95
CA THR D 17 -24.84 20.86 3.86
C THR D 17 -24.34 19.45 4.22
N THR D 18 -23.61 18.83 3.29
CA THR D 18 -23.28 17.42 3.38
C THR D 18 -21.80 17.17 3.63
N ASP D 19 -21.24 17.76 4.69
CA ASP D 19 -19.83 17.63 4.99
C ASP D 19 -19.45 16.16 5.12
N GLY D 20 -18.27 15.83 4.64
CA GLY D 20 -17.71 14.51 4.83
C GLY D 20 -16.68 14.17 3.78
N VAL D 21 -16.19 12.94 3.86
CA VAL D 21 -15.27 12.39 2.89
C VAL D 21 -16.05 11.49 1.95
N TYR D 22 -15.70 11.55 0.67
CA TYR D 22 -16.46 10.90 -0.39
C TYR D 22 -15.54 10.12 -1.32
N ARG D 23 -16.03 9.00 -1.82
CA ARG D 23 -15.38 8.26 -2.90
C ARG D 23 -15.74 8.89 -4.24
N VAL D 24 -14.78 8.91 -5.17
CA VAL D 24 -15.01 9.34 -6.54
C VAL D 24 -14.98 8.10 -7.41
N MET D 25 -16.13 7.79 -8.02
CA MET D 25 -16.41 6.53 -8.69
C MET D 25 -16.67 6.75 -10.17
N THR D 26 -16.27 5.78 -10.99
CA THR D 26 -16.72 5.73 -12.36
C THR D 26 -18.06 5.00 -12.44
N ARG D 27 -18.77 5.20 -13.54
CA ARG D 27 -20.08 4.57 -13.65
C ARG D 27 -19.94 3.17 -14.25
N ARG D 28 -21.00 2.37 -14.07
CA ARG D 28 -21.01 0.95 -14.39
C ARG D 28 -20.30 0.61 -15.70
N LEU D 29 -20.26 1.56 -16.64
CA LEU D 29 -19.64 1.35 -17.94
C LEU D 29 -18.16 1.00 -17.83
N LEU D 30 -17.47 1.56 -16.84
CA LEU D 30 -16.02 1.45 -16.76
C LEU D 30 -15.55 0.41 -15.75
N GLY D 31 -16.45 -0.08 -14.90
CA GLY D 31 -16.12 -1.09 -13.93
C GLY D 31 -16.69 -0.74 -12.57
N SER D 32 -17.27 0.46 -12.45
CA SER D 32 -17.66 1.02 -11.16
C SER D 32 -16.45 1.03 -10.23
N THR D 33 -15.42 1.71 -10.70
CA THR D 33 -14.12 1.78 -10.05
C THR D 33 -14.03 3.02 -9.18
N GLN D 34 -13.38 2.90 -8.03
CA GLN D 34 -13.01 4.07 -7.26
C GLN D 34 -11.72 4.65 -7.84
N VAL D 35 -11.80 5.86 -8.41
CA VAL D 35 -10.61 6.51 -8.97
C VAL D 35 -10.02 7.53 -8.02
N GLY D 36 -10.74 7.92 -6.97
CA GLY D 36 -10.16 8.76 -5.97
C GLY D 36 -11.17 9.04 -4.88
N VAL D 37 -10.90 10.14 -4.18
CA VAL D 37 -11.55 10.51 -2.93
C VAL D 37 -11.56 12.03 -2.89
N GLY D 38 -12.51 12.60 -2.13
CA GLY D 38 -12.45 14.03 -1.90
C GLY D 38 -13.21 14.43 -0.65
N VAL D 39 -13.15 15.74 -0.37
CA VAL D 39 -13.68 16.31 0.87
C VAL D 39 -14.79 17.28 0.51
N MET D 40 -15.97 17.06 1.09
CA MET D 40 -17.06 18.03 1.05
C MET D 40 -16.95 18.87 2.31
N GLN D 41 -16.75 20.18 2.15
CA GLN D 41 -16.74 21.07 3.31
C GLN D 41 -17.27 22.43 2.90
N GLU D 42 -18.20 22.96 3.70
CA GLU D 42 -18.74 24.29 3.46
C GLU D 42 -19.29 24.42 2.05
N GLY D 43 -19.93 23.35 1.58
CA GLY D 43 -20.59 23.34 0.29
C GLY D 43 -19.70 23.16 -0.91
N VAL D 44 -18.41 22.91 -0.72
CA VAL D 44 -17.45 22.80 -1.81
C VAL D 44 -16.86 21.41 -1.79
N PHE D 45 -16.69 20.80 -2.97
CA PHE D 45 -16.00 19.52 -3.07
C PHE D 45 -14.56 19.72 -3.49
N HIS D 46 -13.65 19.13 -2.73
CA HIS D 46 -12.21 19.31 -2.88
C HIS D 46 -11.57 17.97 -3.26
N THR D 47 -10.89 17.89 -4.40
CA THR D 47 -10.15 16.66 -4.72
C THR D 47 -8.87 17.01 -5.47
N MET D 48 -8.12 16.01 -5.87
CA MET D 48 -6.90 16.32 -6.66
C MET D 48 -7.19 16.26 -8.16
N TRP D 49 -6.51 17.14 -8.88
CA TRP D 49 -6.78 17.27 -10.31
C TRP D 49 -6.62 15.93 -11.04
N HIS D 50 -5.60 15.15 -10.70
CA HIS D 50 -5.33 13.92 -11.45
C HIS D 50 -6.41 12.87 -11.25
N VAL D 51 -7.29 13.04 -10.27
CA VAL D 51 -8.41 12.11 -10.11
C VAL D 51 -9.51 12.39 -11.15
N THR D 52 -9.96 13.65 -11.26
CA THR D 52 -11.09 13.96 -12.12
C THR D 52 -10.72 14.68 -13.41
N LYS D 53 -9.53 15.28 -13.46
CA LYS D 53 -9.10 16.13 -14.56
C LYS D 53 -10.05 17.31 -14.73
N GLY D 54 -10.72 17.69 -13.64
CA GLY D 54 -11.65 18.79 -13.66
C GLY D 54 -13.01 18.51 -14.25
N ALA D 55 -13.29 17.26 -14.61
CA ALA D 55 -14.58 16.89 -15.19
C ALA D 55 -15.70 17.07 -14.18
N ALA D 56 -16.91 17.32 -14.68
CA ALA D 56 -18.08 17.45 -13.84
C ALA D 56 -18.39 16.12 -13.14
N LEU D 57 -19.01 16.23 -11.97
CA LEU D 57 -19.31 15.07 -11.13
C LEU D 57 -20.80 14.99 -10.87
N ARG D 58 -21.31 13.78 -10.76
CA ARG D 58 -22.70 13.58 -10.36
C ARG D 58 -22.74 13.37 -8.84
N SER D 59 -23.70 13.99 -8.19
CA SER D 59 -23.93 13.82 -6.75
C SER D 59 -25.43 13.54 -6.59
N GLY D 60 -25.78 12.28 -6.39
CA GLY D 60 -27.17 11.92 -6.47
C GLY D 60 -27.70 12.42 -7.79
N GLU D 61 -28.75 13.25 -7.75
CA GLU D 61 -29.39 13.78 -8.95
C GLU D 61 -28.84 15.15 -9.36
N GLY D 62 -27.89 15.71 -8.61
CA GLY D 62 -27.28 16.96 -8.98
C GLY D 62 -25.97 16.79 -9.73
N ARG D 63 -25.50 17.88 -10.32
CA ARG D 63 -24.21 17.93 -10.99
C ARG D 63 -23.32 18.93 -10.26
N LEU D 64 -22.06 18.56 -10.06
CA LEU D 64 -21.06 19.44 -9.47
C LEU D 64 -20.15 19.92 -10.57
N ASP D 65 -20.06 21.24 -10.73
CA ASP D 65 -19.20 21.85 -11.73
C ASP D 65 -17.93 22.39 -11.11
N PRO D 66 -16.81 22.29 -11.82
CA PRO D 66 -15.55 22.82 -11.29
C PRO D 66 -15.62 24.32 -11.17
N TYR D 67 -14.94 24.82 -10.19
CA TYR D 67 -14.88 26.24 -9.87
C TYR D 67 -13.47 26.79 -9.87
N TRP D 68 -12.51 26.04 -9.37
CA TRP D 68 -11.12 26.46 -9.37
C TRP D 68 -10.27 25.20 -9.58
N GLY D 69 -9.20 25.33 -10.35
CA GLY D 69 -8.25 24.22 -10.42
C GLY D 69 -6.88 24.69 -10.83
N ASP D 70 -5.88 23.86 -10.52
CA ASP D 70 -4.49 24.16 -10.85
C ASP D 70 -3.73 22.86 -11.04
N VAL D 71 -3.26 22.60 -12.26
CA VAL D 71 -2.59 21.34 -12.60
C VAL D 71 -1.31 21.16 -11.82
N LYS D 72 -0.55 22.23 -11.62
CA LYS D 72 0.74 22.07 -10.96
C LYS D 72 0.56 21.74 -9.50
N GLN D 73 -0.39 22.41 -8.84
CA GLN D 73 -0.71 22.08 -7.45
C GLN D 73 -1.43 20.75 -7.36
N ASP D 74 -2.03 20.29 -8.47
CA ASP D 74 -2.77 19.04 -8.54
C ASP D 74 -4.03 19.08 -7.69
N LEU D 75 -4.78 20.17 -7.76
CA LEU D 75 -5.95 20.37 -6.93
C LEU D 75 -7.08 20.98 -7.73
N VAL D 76 -8.31 20.66 -7.34
CA VAL D 76 -9.51 21.21 -7.96
C VAL D 76 -10.62 21.31 -6.92
N SER D 77 -11.42 22.38 -7.02
CA SER D 77 -12.62 22.51 -6.21
C SER D 77 -13.83 22.62 -7.12
N TYR D 78 -14.96 22.17 -6.57
CA TYR D 78 -16.26 22.17 -7.21
C TYR D 78 -17.26 22.91 -6.36
N CYS D 79 -18.12 23.68 -7.01
CA CYS D 79 -19.25 24.42 -6.47
C CYS D 79 -18.86 25.72 -5.80
N GLY D 80 -17.58 25.97 -5.58
CA GLY D 80 -17.12 27.18 -4.93
C GLY D 80 -15.64 27.12 -4.74
N PRO D 81 -15.08 28.16 -4.11
CA PRO D 81 -13.64 28.24 -3.95
C PRO D 81 -13.13 27.27 -2.89
N TRP D 82 -11.84 26.96 -3.02
CA TRP D 82 -11.13 26.10 -2.07
C TRP D 82 -11.30 26.64 -0.66
N LYS D 83 -11.75 25.77 0.25
CA LYS D 83 -12.10 26.18 1.60
C LYS D 83 -11.08 25.76 2.65
N LEU D 84 -10.19 24.85 2.32
CA LEU D 84 -9.33 24.20 3.32
C LEU D 84 -8.03 24.99 3.43
N ASP D 85 -7.76 25.51 4.62
CA ASP D 85 -6.55 26.30 4.76
C ASP D 85 -5.75 26.01 6.04
N ALA D 86 -6.12 24.99 6.81
CA ALA D 86 -5.27 24.58 7.92
C ALA D 86 -3.93 24.08 7.37
N ALA D 87 -2.86 24.28 8.14
CA ALA D 87 -1.52 23.90 7.73
C ALA D 87 -0.92 22.94 8.74
N TRP D 88 -0.15 21.96 8.26
CA TRP D 88 0.69 21.20 9.15
C TRP D 88 1.59 22.14 9.93
N ASP D 89 1.68 21.92 11.25
CA ASP D 89 2.46 22.81 12.08
C ASP D 89 3.95 22.50 12.05
N GLY D 90 4.38 21.51 11.27
CA GLY D 90 5.77 21.13 11.16
C GLY D 90 6.35 20.38 12.33
N LEU D 91 5.52 19.97 13.28
CA LEU D 91 5.99 19.46 14.56
C LEU D 91 5.18 18.24 15.00
N SER D 92 3.88 18.25 14.76
CA SER D 92 2.97 17.26 15.34
C SER D 92 2.66 16.13 14.38
N GLU D 93 2.30 14.98 14.96
CA GLU D 93 1.75 13.90 14.18
C GLU D 93 0.41 14.31 13.59
N VAL D 94 0.08 13.68 12.48
CA VAL D 94 -1.13 13.96 11.73
C VAL D 94 -1.81 12.62 11.50
N GLN D 95 -2.98 12.64 10.91
CA GLN D 95 -3.67 11.40 10.53
C GLN D 95 -4.14 11.47 9.09
N LEU D 96 -3.79 10.45 8.33
CA LEU D 96 -4.43 10.19 7.05
C LEU D 96 -5.74 9.49 7.28
N LEU D 97 -6.84 10.09 6.82
CA LEU D 97 -8.15 9.45 6.82
C LEU D 97 -8.23 8.74 5.47
N ALA D 98 -7.65 7.55 5.44
CA ALA D 98 -7.51 6.84 4.18
C ALA D 98 -8.86 6.24 3.79
N VAL D 99 -9.22 6.41 2.52
CA VAL D 99 -10.45 5.81 2.00
C VAL D 99 -10.03 4.92 0.85
N PRO D 100 -9.52 3.71 1.11
CA PRO D 100 -9.06 2.86 0.01
C PRO D 100 -10.22 2.24 -0.74
N PRO D 101 -10.08 2.07 -2.04
CA PRO D 101 -11.11 1.33 -2.79
C PRO D 101 -11.47 0.01 -2.10
N GLY D 102 -12.77 -0.21 -1.97
CA GLY D 102 -13.27 -1.46 -1.41
C GLY D 102 -13.11 -1.64 0.08
N GLU D 103 -12.66 -0.61 0.81
CA GLU D 103 -12.40 -0.73 2.24
C GLU D 103 -13.02 0.45 2.98
N ARG D 104 -13.47 0.18 4.20
CA ARG D 104 -13.98 1.22 5.08
C ARG D 104 -12.90 2.25 5.35
N ALA D 105 -13.32 3.51 5.48
CA ALA D 105 -12.38 4.57 5.86
C ALA D 105 -11.75 4.27 7.21
N LYS D 106 -10.45 4.54 7.30
CA LYS D 106 -9.68 4.28 8.50
C LYS D 106 -8.66 5.38 8.70
N ASN D 107 -8.39 5.67 9.96
CA ASN D 107 -7.42 6.69 10.32
C ASN D 107 -6.05 6.06 10.60
N ILE D 108 -5.01 6.63 9.98
CA ILE D 108 -3.63 6.20 10.19
C ILE D 108 -2.81 7.41 10.64
N GLN D 109 -2.16 7.27 11.79
CA GLN D 109 -1.41 8.37 12.39
C GLN D 109 0.06 8.23 12.03
N THR D 110 0.71 9.37 11.82
CA THR D 110 2.10 9.33 11.37
C THR D 110 2.72 10.68 11.66
N LEU D 111 4.06 10.69 11.76
CA LEU D 111 4.80 11.96 11.76
C LEU D 111 5.32 12.23 10.37
N PRO D 112 4.92 13.33 9.73
CA PRO D 112 5.41 13.58 8.36
C PRO D 112 6.92 13.75 8.32
N GLY D 113 7.48 13.35 7.19
CA GLY D 113 8.75 13.86 6.72
C GLY D 113 8.54 15.08 5.87
N ILE D 114 9.53 15.37 5.03
CA ILE D 114 9.64 16.64 4.35
C ILE D 114 10.03 16.38 2.90
N PHE D 115 9.30 16.99 1.97
CA PHE D 115 9.75 17.20 0.60
C PHE D 115 10.50 18.52 0.56
N LYS D 116 11.79 18.48 0.24
CA LYS D 116 12.62 19.66 0.13
C LYS D 116 12.73 20.00 -1.35
N THR D 117 12.30 21.21 -1.71
CA THR D 117 12.31 21.66 -3.09
C THR D 117 13.01 23.02 -3.16
N LYS D 118 13.30 23.45 -4.39
CA LYS D 118 13.96 24.74 -4.59
C LYS D 118 13.11 25.91 -4.11
N ASP D 119 11.81 25.69 -3.90
CA ASP D 119 10.88 26.75 -3.52
C ASP D 119 10.40 26.62 -2.08
N GLY D 120 10.98 25.74 -1.29
CA GLY D 120 10.60 25.59 0.10
C GLY D 120 10.24 24.15 0.41
N ASP D 121 9.93 23.93 1.69
CA ASP D 121 9.69 22.59 2.23
C ASP D 121 8.19 22.32 2.31
N ILE D 122 7.82 21.07 2.07
CA ILE D 122 6.43 20.61 2.11
C ILE D 122 6.42 19.38 3.00
N GLY D 123 5.48 19.32 3.93
CA GLY D 123 5.25 18.07 4.65
C GLY D 123 4.88 16.93 3.71
N ALA D 124 5.25 15.72 4.11
CA ALA D 124 5.06 14.54 3.28
C ALA D 124 4.87 13.32 4.17
N VAL D 125 3.93 12.43 3.80
CA VAL D 125 3.63 11.26 4.61
C VAL D 125 4.05 9.98 3.87
N ALA D 126 4.75 9.12 4.59
CA ALA D 126 5.30 7.86 4.07
C ALA D 126 4.31 6.73 4.39
N LEU D 127 3.18 6.82 3.68
CA LEU D 127 2.07 5.89 3.79
C LEU D 127 1.69 5.47 2.37
N ASP D 128 1.56 4.16 2.17
CA ASP D 128 1.46 3.57 0.84
C ASP D 128 0.10 2.94 0.63
N TYR D 129 -0.76 3.61 -0.16
CA TYR D 129 -2.11 3.16 -0.49
C TYR D 129 -2.32 3.16 -1.99
N PRO D 130 -3.30 2.39 -2.48
CA PRO D 130 -3.54 2.34 -3.93
C PRO D 130 -3.93 3.70 -4.50
N ALA D 131 -3.80 3.80 -5.83
CA ALA D 131 -4.00 5.08 -6.50
C ALA D 131 -5.39 5.65 -6.27
N GLY D 132 -6.41 4.81 -6.15
CA GLY D 132 -7.76 5.31 -5.93
C GLY D 132 -8.01 5.89 -4.56
N THR D 133 -7.02 5.85 -3.67
CA THR D 133 -7.05 6.52 -2.38
C THR D 133 -6.72 8.00 -2.51
N SER D 134 -6.23 8.41 -3.69
CA SER D 134 -5.86 9.80 -3.93
C SER D 134 -7.02 10.73 -3.64
N GLY D 135 -6.72 11.80 -2.90
CA GLY D 135 -7.70 12.76 -2.46
C GLY D 135 -8.17 12.54 -1.05
N SER D 136 -7.71 11.48 -0.39
CA SER D 136 -8.05 11.27 1.00
C SER D 136 -7.46 12.38 1.85
N PRO D 137 -8.19 12.86 2.85
CA PRO D 137 -7.68 14.00 3.63
C PRO D 137 -6.70 13.59 4.71
N ILE D 138 -5.77 14.50 4.96
CA ILE D 138 -4.80 14.42 6.06
C ILE D 138 -5.21 15.48 7.08
N LEU D 139 -5.21 15.09 8.37
CA LEU D 139 -5.84 15.85 9.43
C LEU D 139 -4.85 16.24 10.52
N ASP D 140 -5.07 17.41 11.12
CA ASP D 140 -4.42 17.74 12.39
C ASP D 140 -5.29 17.27 13.56
N LYS D 141 -4.78 17.46 14.78
CA LYS D 141 -5.44 16.90 15.96
C LYS D 141 -6.80 17.53 16.24
N SER D 142 -7.08 18.73 15.75
CA SER D 142 -8.42 19.29 15.89
C SER D 142 -9.37 18.81 14.79
N GLY D 143 -8.93 17.89 13.93
CA GLY D 143 -9.78 17.36 12.90
C GLY D 143 -9.84 18.19 11.64
N ARG D 144 -9.01 19.23 11.52
CA ARG D 144 -8.98 20.07 10.33
C ARG D 144 -8.18 19.38 9.24
N VAL D 145 -8.61 19.61 7.99
CA VAL D 145 -7.93 19.01 6.85
C VAL D 145 -6.76 19.91 6.50
N ILE D 146 -5.54 19.38 6.66
CA ILE D 146 -4.31 20.12 6.38
C ILE D 146 -3.78 19.84 4.97
N GLY D 147 -4.46 19.00 4.20
CA GLY D 147 -4.08 18.72 2.83
C GLY D 147 -4.70 17.41 2.38
N LEU D 148 -4.46 17.09 1.08
CA LEU D 148 -4.92 15.84 0.50
C LEU D 148 -3.74 14.97 0.12
N TYR D 149 -3.96 13.66 0.25
CA TYR D 149 -3.03 12.58 -0.05
C TYR D 149 -3.12 12.15 -1.50
N GLY D 150 -1.98 11.88 -2.12
CA GLY D 150 -2.01 11.23 -3.40
C GLY D 150 -1.14 11.79 -4.51
N ASN D 151 -0.41 12.90 -4.27
CA ASN D 151 0.59 13.36 -5.24
C ASN D 151 1.96 13.26 -4.57
N GLY D 152 2.79 12.39 -5.10
CA GLY D 152 4.03 12.03 -4.44
C GLY D 152 5.05 11.39 -5.35
N VAL D 153 5.92 10.57 -4.73
CA VAL D 153 7.00 9.87 -5.42
C VAL D 153 7.10 8.43 -4.92
N VAL D 154 7.54 7.55 -5.82
CA VAL D 154 7.93 6.20 -5.48
C VAL D 154 9.44 6.19 -5.23
N ILE D 155 9.87 5.62 -4.11
CA ILE D 155 11.28 5.65 -3.76
C ILE D 155 11.89 4.31 -4.11
N LYS D 156 13.19 4.14 -3.82
CA LYS D 156 13.96 3.08 -4.45
C LYS D 156 13.56 1.70 -3.96
N ASN D 157 13.02 1.59 -2.75
CA ASN D 157 12.62 0.29 -2.24
C ASN D 157 11.20 -0.07 -2.64
N GLY D 158 10.57 0.73 -3.50
CA GLY D 158 9.28 0.43 -4.06
C GLY D 158 8.13 1.07 -3.33
N SER D 159 8.38 1.64 -2.15
CA SER D 159 7.31 2.29 -1.38
C SER D 159 7.02 3.70 -1.89
N TYR D 160 6.00 4.32 -1.31
CA TYR D 160 5.44 5.57 -1.81
C TYR D 160 5.43 6.60 -0.70
N VAL D 161 5.73 7.84 -1.06
CA VAL D 161 5.63 8.97 -0.14
C VAL D 161 4.81 10.05 -0.81
N SER D 162 3.77 10.55 -0.10
CA SER D 162 2.87 11.57 -0.60
C SER D 162 3.17 12.94 -0.01
N ALA D 163 3.17 13.96 -0.84
CA ALA D 163 3.11 15.32 -0.33
C ALA D 163 1.82 15.52 0.48
N ILE D 164 1.89 16.43 1.45
CA ILE D 164 0.66 16.95 2.07
C ILE D 164 0.26 18.16 1.21
N THR D 165 -0.67 17.96 0.25
CA THR D 165 -0.98 18.98 -0.74
C THR D 165 -2.14 19.82 -0.24
N GLN D 166 -1.92 21.11 -0.02
CA GLN D 166 -2.95 22.02 0.48
C GLN D 166 -3.10 23.19 -0.49
N GLY D 167 -4.35 23.66 -0.61
CA GLY D 167 -4.67 24.83 -1.40
C GLY D 167 -4.71 26.09 -0.56
N LYS D 168 -5.05 27.19 -1.22
CA LYS D 168 -5.21 28.48 -0.59
C LYS D 168 -6.68 28.83 -0.49
N ARG D 169 -7.08 29.34 0.66
CA ARG D 169 -8.40 29.93 0.86
C ARG D 169 -8.26 31.43 0.67
N GLU D 170 -8.88 31.94 -0.38
CA GLU D 170 -8.72 33.36 -0.73
C GLU D 170 -9.58 34.29 0.12
#